data_9O9N
#
_entry.id   9O9N
#
_cell.length_a   62.043
_cell.length_b   62.043
_cell.length_c   166.259
_cell.angle_alpha   90.000
_cell.angle_beta   90.000
_cell.angle_gamma   90.000
#
_symmetry.space_group_name_H-M   'P 41 21 2'
#
loop_
_entity.id
_entity.type
_entity.pdbx_description
1 polymer 'Peroxisome proliferator-activated receptor gamma'
2 polymer 'Nuclear receptor corepressor 1'
3 non-polymer (3P)-3-(5,7-difluoro-4-oxo-1,4-dihydroquinolin-2-yl)-4-(methanesulfonyl)benzonitrile
4 water water
#
loop_
_entity_poly.entity_id
_entity_poly.type
_entity_poly.pdbx_seq_one_letter_code
_entity_poly.pdbx_strand_id
1 'polypeptide(L)'
;GQLNPESADLRALAKHLYDSYIKSFPLTKAKARAILTGKTTDKSPFVIYDMNSLMMGEDKIKFKHITPLQEQSKEVAIRI
FQGCQFRSVEAVQEITEYAKSIPGFVNLDLNDQVTLLKYGVHEIIYTMLASLMNKDGVLISEGQGFMTREFLKSLRKPFG
DFMEPKFEFAVKFNALELDDSDLAIFIAVIILSGDRPGLLNVKPIEDIQDNLLQALELQLKLNHPESSQLFAKLLQKMTD
LRQIVTEHVQLLQVIKKTETDMSLHPLLQEIYKDLY
;
B
2 'polypeptide(L)' DPASNLGLEDIIRKALMGSFDDK D
#
loop_
_chem_comp.id
_chem_comp.type
_chem_comp.name
_chem_comp.formula
A1CAA non-polymer (3P)-3-(5,7-difluoro-4-oxo-1,4-dihydroquinolin-2-yl)-4-(methanesulfonyl)benzonitrile 'C17 H10 F2 N2 O3 S'
#
# COMPACT_ATOMS: atom_id res chain seq x y z
N GLN A 2 -18.06 23.62 -14.26
CA GLN A 2 -19.34 24.15 -13.77
C GLN A 2 -19.88 23.29 -12.61
N LEU A 3 -20.58 23.92 -11.66
CA LEU A 3 -21.39 23.22 -10.66
C LEU A 3 -22.72 22.81 -11.28
N ASN A 4 -22.88 21.54 -11.62
CA ASN A 4 -24.14 21.13 -12.21
C ASN A 4 -24.47 19.73 -11.72
N PRO A 5 -25.58 19.10 -12.15
CA PRO A 5 -25.84 17.74 -11.67
C PRO A 5 -24.70 16.76 -11.94
N GLU A 6 -24.08 16.78 -13.12
CA GLU A 6 -23.02 15.80 -13.38
C GLU A 6 -21.83 16.01 -12.45
N SER A 7 -21.44 17.27 -12.18
CA SER A 7 -20.34 17.47 -11.23
C SER A 7 -20.78 17.08 -9.82
N ALA A 8 -21.99 17.48 -9.41
CA ALA A 8 -22.44 17.16 -8.06
C ALA A 8 -22.40 15.65 -7.82
N ASP A 9 -22.79 14.86 -8.81
CA ASP A 9 -22.74 13.41 -8.69
C ASP A 9 -21.29 12.94 -8.53
N LEU A 10 -20.37 13.53 -9.28
CA LEU A 10 -18.96 13.19 -9.13
C LEU A 10 -18.41 13.62 -7.78
N ARG A 11 -19.01 14.64 -7.17
CA ARG A 11 -18.60 14.97 -5.81
C ARG A 11 -19.33 14.12 -4.79
N ALA A 12 -20.48 13.58 -5.18
CA ALA A 12 -21.20 12.65 -4.32
C ALA A 12 -20.45 11.33 -4.25
N LEU A 13 -19.96 10.85 -5.38
CA LEU A 13 -19.17 9.63 -5.41
C LEU A 13 -17.89 9.76 -4.59
N ALA A 14 -17.17 10.88 -4.76
CA ALA A 14 -15.96 11.12 -3.97
C ALA A 14 -16.24 11.08 -2.47
N LYS A 15 -17.39 11.61 -2.05
CA LYS A 15 -17.75 11.59 -0.63
C LYS A 15 -18.07 10.17 -0.18
N HIS A 16 -18.89 9.45 -0.95
CA HIS A 16 -19.24 8.08 -0.59
C HIS A 16 -17.98 7.24 -0.46
N LEU A 17 -17.09 7.35 -1.44
CA LEU A 17 -15.81 6.64 -1.35
C LEU A 17 -15.04 7.02 -0.09
N TYR A 18 -14.92 8.33 0.20
CA TYR A 18 -14.11 8.79 1.33
C TYR A 18 -14.66 8.26 2.65
N ASP A 19 -15.98 8.26 2.80
CA ASP A 19 -16.58 7.77 4.05
C ASP A 19 -16.35 6.27 4.20
N SER A 20 -16.53 5.52 3.11
CA SER A 20 -16.25 4.09 3.10
C SER A 20 -14.79 3.80 3.43
N TYR A 21 -13.88 4.55 2.79
CA TYR A 21 -12.46 4.48 3.06
C TYR A 21 -12.15 4.65 4.54
N ILE A 22 -12.83 5.59 5.21
CA ILE A 22 -12.62 5.82 6.63
C ILE A 22 -13.10 4.63 7.44
N LYS A 23 -14.26 4.06 7.09
CA LYS A 23 -14.76 2.90 7.83
C LYS A 23 -13.81 1.72 7.70
N SER A 24 -13.36 1.42 6.45
CA SER A 24 -12.57 0.21 6.19
C SER A 24 -11.18 0.28 6.80
N PHE A 25 -10.51 1.44 6.70
CA PHE A 25 -9.09 1.58 6.99
C PHE A 25 -8.85 2.41 8.26
N PRO A 26 -8.58 1.79 9.41
CA PRO A 26 -8.48 2.57 10.66
C PRO A 26 -7.27 3.48 10.76
N LEU A 27 -6.11 3.07 10.25
CA LEU A 27 -4.91 3.92 10.24
C LEU A 27 -4.95 4.82 9.00
N THR A 28 -5.38 6.08 9.19
CA THR A 28 -5.36 7.03 8.08
C THR A 28 -3.94 7.54 7.84
N LYS A 29 -3.72 8.07 6.63
CA LYS A 29 -2.44 8.72 6.36
C LYS A 29 -2.17 9.82 7.38
N ALA A 30 -3.21 10.56 7.76
CA ALA A 30 -3.02 11.68 8.69
C ALA A 30 -2.50 11.19 10.04
N LYS A 31 -3.11 10.12 10.57
CA LYS A 31 -2.60 9.49 11.78
C LYS A 31 -1.14 9.10 11.60
N ALA A 32 -0.79 8.52 10.45
CA ALA A 32 0.58 8.07 10.22
C ALA A 32 1.52 9.26 10.13
N ARG A 33 1.17 10.29 9.34
CA ARG A 33 2.03 11.46 9.22
C ARG A 33 2.22 12.12 10.56
N ALA A 34 1.17 12.15 11.39
CA ALA A 34 1.28 12.74 12.71
C ALA A 34 2.41 12.10 13.53
N ILE A 35 2.64 10.81 13.37
CA ILE A 35 3.66 10.15 14.20
C ILE A 35 5.06 10.45 13.67
N LEU A 36 5.22 10.43 12.34
CA LEU A 36 6.53 10.63 11.75
C LEU A 36 7.07 12.01 12.09
N THR A 37 6.22 13.04 12.04
CA THR A 37 6.69 14.40 12.30
C THR A 37 6.66 14.73 13.77
N GLY A 38 6.58 13.72 14.63
CA GLY A 38 6.84 13.93 16.03
C GLY A 38 5.73 14.58 16.82
N LYS A 39 4.52 14.64 16.27
CA LYS A 39 3.43 15.32 16.96
C LYS A 39 2.89 14.53 18.16
N THR A 40 3.09 13.21 18.19
CA THR A 40 2.52 12.41 19.28
C THR A 40 3.48 12.38 20.46
N THR A 41 2.99 12.85 21.61
CA THR A 41 3.75 12.85 22.84
C THR A 41 3.43 11.66 23.74
N ASP A 42 2.30 10.99 23.52
CA ASP A 42 1.95 9.76 24.23
C ASP A 42 2.65 8.56 23.60
N LYS A 43 3.58 7.95 24.36
CA LYS A 43 4.34 6.76 23.95
C LYS A 43 4.95 6.94 22.55
N SER A 44 5.83 7.94 22.45
CA SER A 44 6.46 8.30 21.18
C SER A 44 7.24 7.10 20.65
N PRO A 45 7.29 6.91 19.33
CA PRO A 45 7.98 5.72 18.81
C PRO A 45 9.47 5.73 19.11
N PHE A 46 10.01 4.53 19.34
CA PHE A 46 11.43 4.35 19.63
C PHE A 46 12.20 4.08 18.35
N VAL A 47 13.31 4.77 18.17
CA VAL A 47 14.11 4.68 16.95
C VAL A 47 15.06 3.49 17.04
N ILE A 48 15.08 2.68 15.98
CA ILE A 48 16.11 1.67 15.78
C ILE A 48 16.98 2.13 14.61
N TYR A 49 18.22 2.50 14.91
CA TYR A 49 19.11 2.99 13.88
C TYR A 49 20.38 2.15 13.71
N ASP A 50 20.59 1.10 14.52
CA ASP A 50 21.82 0.32 14.43
C ASP A 50 21.69 -0.92 15.32
N MET A 51 22.75 -1.73 15.34
CA MET A 51 22.71 -3.00 16.06
C MET A 51 22.50 -2.80 17.54
N ASN A 52 23.27 -1.89 18.15
CA ASN A 52 23.15 -1.64 19.57
C ASN A 52 21.75 -1.17 19.95
N SER A 53 21.17 -0.28 19.14
CA SER A 53 19.80 0.15 19.41
C SER A 53 18.79 -0.96 19.11
N LEU A 54 19.14 -1.94 18.29
CA LEU A 54 18.23 -3.04 18.03
C LEU A 54 18.05 -3.92 19.26
N MET A 55 19.13 -4.17 20.00
CA MET A 55 19.02 -4.92 21.24
C MET A 55 18.22 -4.14 22.28
N MET A 56 18.44 -2.84 22.37
CA MET A 56 17.73 -2.04 23.35
C MET A 56 16.22 -2.04 23.07
N GLY A 57 15.84 -2.00 21.81
CA GLY A 57 14.44 -2.00 21.46
C GLY A 57 13.79 -3.36 21.58
N GLU A 58 14.50 -4.33 22.16
CA GLU A 58 13.98 -5.70 22.19
C GLU A 58 12.71 -5.82 23.02
N ASP A 59 12.55 -4.97 24.05
CA ASP A 59 11.38 -5.12 24.91
C ASP A 59 10.07 -4.81 24.20
N LYS A 60 10.10 -4.13 23.05
CA LYS A 60 8.91 -3.87 22.26
C LYS A 60 9.12 -4.18 20.78
N LYS A 74 12.36 -22.88 8.08
CA LYS A 74 12.57 -22.77 6.64
C LYS A 74 13.71 -21.78 6.35
N GLU A 75 13.88 -21.41 5.09
CA GLU A 75 14.82 -20.33 4.75
C GLU A 75 14.34 -19.02 5.38
N VAL A 76 15.29 -18.22 5.88
CA VAL A 76 14.95 -17.00 6.59
C VAL A 76 14.10 -16.08 5.72
N ALA A 77 14.39 -16.03 4.42
CA ALA A 77 13.65 -15.13 3.54
C ALA A 77 12.22 -15.60 3.36
N ILE A 78 12.04 -16.89 3.10
CA ILE A 78 10.70 -17.47 2.96
C ILE A 78 9.89 -17.24 4.23
N ARG A 79 10.54 -17.29 5.39
CA ARG A 79 9.77 -17.16 6.62
C ARG A 79 9.40 -15.70 6.88
N ILE A 80 10.29 -14.77 6.55
CA ILE A 80 9.92 -13.36 6.58
C ILE A 80 8.70 -13.11 5.70
N PHE A 81 8.68 -13.68 4.50
CA PHE A 81 7.61 -13.39 3.57
C PHE A 81 6.30 -14.02 4.02
N GLN A 82 6.36 -15.21 4.62
CA GLN A 82 5.14 -15.81 5.15
C GLN A 82 4.61 -15.05 6.35
N GLY A 83 5.51 -14.51 7.19
CA GLY A 83 5.07 -13.72 8.33
C GLY A 83 4.45 -12.41 7.93
N CYS A 84 4.93 -11.80 6.85
CA CYS A 84 4.35 -10.52 6.45
C CYS A 84 3.04 -10.72 5.69
N GLN A 85 2.87 -11.85 5.01
CA GLN A 85 1.58 -12.13 4.41
C GLN A 85 0.53 -12.41 5.48
N PHE A 86 0.92 -13.09 6.55
CA PHE A 86 -0.04 -13.37 7.60
C PHE A 86 -0.48 -12.07 8.28
N ARG A 87 0.49 -11.23 8.61
CA ARG A 87 0.20 -9.91 9.15
C ARG A 87 -0.54 -9.00 8.17
N SER A 88 -0.62 -9.37 6.89
CA SER A 88 -1.32 -8.57 5.89
C SER A 88 -2.73 -9.07 5.62
N VAL A 89 -3.15 -10.14 6.30
CA VAL A 89 -4.48 -10.69 6.11
C VAL A 89 -5.54 -9.64 6.46
N GLU A 90 -5.36 -8.94 7.59
CA GLU A 90 -6.32 -7.88 7.92
C GLU A 90 -6.32 -6.78 6.86
N ALA A 91 -5.16 -6.49 6.27
CA ALA A 91 -5.10 -5.49 5.23
C ALA A 91 -5.90 -5.92 4.02
N VAL A 92 -5.69 -7.17 3.58
CA VAL A 92 -6.42 -7.74 2.46
C VAL A 92 -7.92 -7.72 2.71
N GLN A 93 -8.34 -8.02 3.94
CA GLN A 93 -9.77 -8.05 4.26
C GLN A 93 -10.40 -6.67 4.18
N GLU A 94 -9.69 -5.63 4.67
CA GLU A 94 -10.18 -4.27 4.66
C GLU A 94 -10.27 -3.71 3.25
N ILE A 95 -9.35 -4.11 2.38
CA ILE A 95 -9.43 -3.68 0.99
C ILE A 95 -10.63 -4.31 0.32
N THR A 96 -10.79 -5.63 0.48
CA THR A 96 -11.99 -6.28 -0.05
C THR A 96 -13.24 -5.58 0.44
N GLU A 97 -13.31 -5.24 1.73
CA GLU A 97 -14.45 -4.48 2.25
C GLU A 97 -14.59 -3.13 1.54
N TYR A 98 -13.49 -2.40 1.42
CA TYR A 98 -13.52 -1.16 0.66
C TYR A 98 -14.09 -1.39 -0.73
N ALA A 99 -13.57 -2.41 -1.43
CA ALA A 99 -13.97 -2.66 -2.80
C ALA A 99 -15.46 -2.97 -2.91
N LYS A 100 -16.03 -3.64 -1.91
CA LYS A 100 -17.45 -3.96 -1.97
C LYS A 100 -18.32 -2.72 -1.88
N SER A 101 -17.76 -1.59 -1.42
CA SER A 101 -18.47 -0.32 -1.36
C SER A 101 -18.28 0.53 -2.61
N ILE A 102 -17.50 0.09 -3.58
CA ILE A 102 -17.36 0.82 -4.84
C ILE A 102 -18.57 0.50 -5.72
N PRO A 103 -19.41 1.48 -6.08
CA PRO A 103 -20.65 1.16 -6.81
C PRO A 103 -20.38 0.36 -8.08
N GLY A 104 -21.10 -0.76 -8.21
CA GLY A 104 -20.96 -1.65 -9.36
C GLY A 104 -20.02 -2.82 -9.15
N PHE A 105 -19.17 -2.77 -8.12
CA PHE A 105 -18.17 -3.82 -7.96
C PHE A 105 -18.82 -5.18 -7.69
N VAL A 106 -19.67 -5.26 -6.67
CA VAL A 106 -20.31 -6.53 -6.31
C VAL A 106 -21.16 -7.10 -7.43
N ASN A 107 -21.53 -6.28 -8.42
CA ASN A 107 -22.26 -6.79 -9.57
C ASN A 107 -21.37 -7.40 -10.63
N LEU A 108 -20.04 -7.22 -10.55
CA LEU A 108 -19.15 -7.84 -11.53
C LEU A 108 -19.09 -9.34 -11.27
N ASP A 109 -18.74 -10.09 -12.32
CA ASP A 109 -18.42 -11.51 -12.23
C ASP A 109 -17.59 -11.81 -10.99
N LEU A 110 -18.05 -12.78 -10.18
CA LEU A 110 -17.34 -13.07 -8.93
C LEU A 110 -15.90 -13.49 -9.21
N ASN A 111 -15.67 -14.19 -10.32
CA ASN A 111 -14.31 -14.54 -10.71
C ASN A 111 -13.48 -13.30 -10.99
N ASP A 112 -14.09 -12.28 -11.59
CA ASP A 112 -13.34 -11.07 -11.90
C ASP A 112 -13.09 -10.23 -10.67
N GLN A 113 -14.05 -10.17 -9.73
CA GLN A 113 -13.81 -9.50 -8.45
C GLN A 113 -12.53 -10.03 -7.80
N VAL A 114 -12.32 -11.34 -7.87
CA VAL A 114 -11.17 -11.97 -7.23
C VAL A 114 -9.88 -11.57 -7.95
N THR A 115 -9.90 -11.62 -9.29
CA THR A 115 -8.73 -11.21 -10.06
C THR A 115 -8.36 -9.75 -9.78
N LEU A 116 -9.34 -8.84 -9.84
CA LEU A 116 -9.09 -7.44 -9.52
C LEU A 116 -8.41 -7.31 -8.16
N LEU A 117 -8.96 -7.98 -7.16
CA LEU A 117 -8.39 -7.88 -5.83
C LEU A 117 -7.07 -8.66 -5.73
N LYS A 118 -6.95 -9.81 -6.40
CA LYS A 118 -5.70 -10.56 -6.23
C LYS A 118 -4.50 -9.75 -6.74
N TYR A 119 -4.70 -8.92 -7.75
CA TYR A 119 -3.60 -8.06 -8.19
C TYR A 119 -3.56 -6.72 -7.46
N GLY A 120 -4.74 -6.15 -7.16
CA GLY A 120 -4.78 -4.84 -6.53
C GLY A 120 -4.11 -4.76 -5.17
N VAL A 121 -4.26 -5.80 -4.34
CA VAL A 121 -3.85 -5.68 -2.93
C VAL A 121 -2.40 -5.20 -2.79
N HIS A 122 -1.46 -5.90 -3.45
CA HIS A 122 -0.04 -5.56 -3.29
C HIS A 122 0.22 -4.09 -3.60
N GLU A 123 -0.34 -3.60 -4.72
CA GLU A 123 -0.14 -2.19 -5.10
C GLU A 123 -0.74 -1.26 -4.04
N ILE A 124 -1.89 -1.64 -3.48
CA ILE A 124 -2.52 -0.81 -2.45
C ILE A 124 -1.73 -0.83 -1.14
N ILE A 125 -1.18 -2.00 -0.78
CA ILE A 125 -0.40 -2.08 0.46
C ILE A 125 0.88 -1.25 0.33
N TYR A 126 1.48 -1.22 -0.85
CA TYR A 126 2.62 -0.33 -1.05
C TYR A 126 2.22 1.14 -1.00
N THR A 127 0.98 1.45 -1.39
CA THR A 127 0.56 2.84 -1.31
C THR A 127 0.43 3.26 0.15
N MET A 128 -0.17 2.39 0.97
CA MET A 128 -0.28 2.63 2.41
C MET A 128 1.07 2.56 3.09
N LEU A 129 1.98 1.72 2.60
CA LEU A 129 3.29 1.66 3.24
C LEU A 129 4.04 2.98 3.06
N ALA A 130 3.85 3.64 1.91
CA ALA A 130 4.44 4.97 1.72
C ALA A 130 4.00 5.94 2.82
N SER A 131 2.78 5.77 3.35
CA SER A 131 2.35 6.61 4.44
C SER A 131 3.22 6.45 5.68
N LEU A 132 3.87 5.31 5.84
CA LEU A 132 4.68 4.99 7.02
C LEU A 132 6.13 5.38 6.85
N MET A 133 6.50 5.88 5.68
CA MET A 133 7.87 6.16 5.33
C MET A 133 8.07 7.65 5.20
N ASN A 134 9.17 8.14 5.74
CA ASN A 134 9.74 9.38 5.23
C ASN A 134 11.15 9.04 4.76
N LYS A 135 11.94 10.08 4.53
CA LYS A 135 13.28 9.84 4.00
C LYS A 135 14.26 9.37 5.06
N ASP A 136 13.85 9.27 6.33
CA ASP A 136 14.72 8.79 7.41
C ASP A 136 14.47 7.33 7.77
N GLY A 137 13.29 6.80 7.46
CA GLY A 137 12.93 5.46 7.86
C GLY A 137 11.42 5.28 7.83
N VAL A 138 10.97 4.27 8.56
CA VAL A 138 9.62 3.74 8.40
C VAL A 138 9.10 3.33 9.76
N LEU A 139 7.80 3.51 9.96
CA LEU A 139 7.18 3.13 11.22
C LEU A 139 6.96 1.63 11.26
N ILE A 140 7.10 1.04 12.45
CA ILE A 140 6.93 -0.40 12.63
C ILE A 140 6.24 -0.64 13.97
N SER A 141 5.90 -1.90 14.22
CA SER A 141 5.20 -2.32 15.44
C SER A 141 4.01 -1.40 15.74
N GLU A 142 3.04 -1.40 14.83
CA GLU A 142 1.83 -0.58 14.97
C GLU A 142 2.16 0.84 15.43
N GLY A 143 3.28 1.36 14.95
CA GLY A 143 3.70 2.72 15.26
C GLY A 143 4.51 2.90 16.52
N GLN A 144 4.90 1.83 17.20
CA GLN A 144 5.77 1.96 18.37
C GLN A 144 7.26 1.99 18.03
N GLY A 145 7.63 1.73 16.78
CA GLY A 145 9.03 1.74 16.39
C GLY A 145 9.24 2.53 15.11
N PHE A 146 10.48 2.95 14.91
CA PHE A 146 10.89 3.68 13.71
C PHE A 146 12.22 3.09 13.29
N MET A 147 12.22 2.37 12.17
CA MET A 147 13.41 1.69 11.67
C MET A 147 14.05 2.59 10.62
N THR A 148 15.37 2.82 10.73
CA THR A 148 15.88 3.80 9.77
C THR A 148 16.16 3.15 8.42
N ARG A 149 16.11 4.00 7.39
CA ARG A 149 16.35 3.58 6.02
C ARG A 149 17.80 3.18 5.80
N GLU A 150 18.72 3.89 6.45
CA GLU A 150 20.13 3.57 6.27
C GLU A 150 20.51 2.30 7.01
N PHE A 151 19.89 2.03 8.17
CA PHE A 151 20.14 0.76 8.85
C PHE A 151 19.64 -0.42 8.00
N LEU A 152 18.47 -0.27 7.38
CA LEU A 152 17.99 -1.34 6.51
C LEU A 152 18.93 -1.56 5.33
N LYS A 153 19.30 -0.48 4.64
CA LYS A 153 20.22 -0.58 3.51
C LYS A 153 21.56 -1.17 3.94
N SER A 154 21.95 -1.00 5.21
CA SER A 154 23.25 -1.46 5.65
C SER A 154 23.28 -2.96 5.93
N LEU A 155 22.13 -3.60 6.01
CA LEU A 155 22.11 -5.02 6.30
C LEU A 155 22.76 -5.81 5.17
N ARG A 156 23.15 -7.06 5.50
CA ARG A 156 23.90 -7.89 4.58
C ARG A 156 23.04 -8.34 3.40
N LYS A 157 23.70 -8.63 2.29
CA LYS A 157 22.99 -9.10 1.12
C LYS A 157 22.33 -10.44 1.43
N PRO A 158 21.13 -10.67 0.95
CA PRO A 158 20.34 -9.76 0.10
C PRO A 158 19.33 -8.89 0.87
N PHE A 159 19.30 -8.94 2.20
CA PHE A 159 18.34 -8.12 2.94
C PHE A 159 18.58 -6.63 2.76
N GLY A 160 19.84 -6.21 2.58
CA GLY A 160 20.13 -4.80 2.44
C GLY A 160 19.34 -4.09 1.36
N ASP A 161 18.97 -4.81 0.30
CA ASP A 161 18.29 -4.21 -0.85
C ASP A 161 16.77 -4.38 -0.79
N PHE A 162 16.25 -5.02 0.26
CA PHE A 162 14.81 -5.27 0.33
C PHE A 162 14.01 -3.97 0.23
N MET A 163 14.30 -2.99 1.09
CA MET A 163 13.37 -1.90 1.25
C MET A 163 13.73 -0.66 0.44
N GLU A 164 14.98 -0.55 0.01
CA GLU A 164 15.45 0.73 -0.51
C GLU A 164 14.72 1.15 -1.78
N PRO A 165 14.35 0.27 -2.71
CA PRO A 165 13.47 0.74 -3.79
C PRO A 165 12.13 1.26 -3.31
N LYS A 166 11.62 0.77 -2.19
CA LYS A 166 10.33 1.28 -1.73
C LYS A 166 10.44 2.66 -1.12
N PHE A 167 11.59 2.96 -0.48
CA PHE A 167 11.80 4.27 0.09
C PHE A 167 11.91 5.32 -1.00
N GLU A 168 12.58 4.97 -2.10
CA GLU A 168 12.73 5.89 -3.21
C GLU A 168 11.37 6.20 -3.83
N PHE A 169 10.55 5.18 -4.08
CA PHE A 169 9.18 5.42 -4.52
C PHE A 169 8.44 6.29 -3.51
N ALA A 170 8.49 5.92 -2.23
CA ALA A 170 7.64 6.55 -1.21
C ALA A 170 7.93 8.03 -1.04
N VAL A 171 9.18 8.45 -1.25
CA VAL A 171 9.51 9.85 -1.05
C VAL A 171 8.93 10.71 -2.17
N LYS A 172 8.97 10.22 -3.41
CA LYS A 172 8.31 10.97 -4.47
C LYS A 172 6.82 11.04 -4.19
N PHE A 173 6.19 9.86 -4.08
CA PHE A 173 4.74 9.81 -3.84
C PHE A 173 4.32 10.74 -2.73
N ASN A 174 5.02 10.67 -1.58
CA ASN A 174 4.62 11.52 -0.46
C ASN A 174 4.79 13.00 -0.78
N ALA A 175 5.76 13.34 -1.66
CA ALA A 175 5.98 14.74 -2.00
C ALA A 175 4.86 15.33 -2.83
N LEU A 176 3.91 14.52 -3.33
CA LEU A 176 2.75 15.06 -4.01
C LEU A 176 1.70 15.58 -3.04
N GLU A 177 1.80 15.20 -1.76
CA GLU A 177 0.94 15.71 -0.69
C GLU A 177 -0.52 15.31 -0.88
N LEU A 178 -0.79 14.08 -1.30
CA LEU A 178 -2.17 13.62 -1.29
C LEU A 178 -2.65 13.48 0.15
N ASP A 179 -3.96 13.62 0.35
CA ASP A 179 -4.57 13.36 1.65
C ASP A 179 -5.56 12.20 1.50
N ASP A 180 -6.17 11.82 2.62
CA ASP A 180 -6.98 10.61 2.66
C ASP A 180 -8.11 10.67 1.63
N SER A 181 -8.69 11.86 1.43
CA SER A 181 -9.70 12.05 0.39
C SER A 181 -9.16 11.70 -0.99
N ASP A 182 -7.99 12.24 -1.33
CA ASP A 182 -7.37 11.86 -2.60
C ASP A 182 -7.16 10.36 -2.68
N LEU A 183 -6.54 9.78 -1.64
CA LEU A 183 -6.13 8.38 -1.73
C LEU A 183 -7.31 7.43 -1.86
N ALA A 184 -8.48 7.80 -1.33
CA ALA A 184 -9.64 6.89 -1.45
C ALA A 184 -10.00 6.65 -2.91
N ILE A 185 -10.14 7.74 -3.69
CA ILE A 185 -10.48 7.60 -5.11
C ILE A 185 -9.34 6.94 -5.87
N PHE A 186 -8.11 7.39 -5.61
CA PHE A 186 -6.92 6.76 -6.19
C PHE A 186 -6.96 5.25 -6.03
N ILE A 187 -7.18 4.78 -4.79
CA ILE A 187 -7.21 3.34 -4.52
C ILE A 187 -8.35 2.66 -5.29
N ALA A 188 -9.49 3.36 -5.43
CA ALA A 188 -10.60 2.78 -6.18
C ALA A 188 -10.28 2.68 -7.65
N VAL A 189 -9.48 3.61 -8.19
CA VAL A 189 -8.98 3.51 -9.56
C VAL A 189 -8.05 2.30 -9.71
N ILE A 190 -7.24 2.01 -8.68
CA ILE A 190 -6.32 0.88 -8.73
C ILE A 190 -7.06 -0.44 -8.77
N ILE A 191 -8.10 -0.60 -7.95
CA ILE A 191 -8.82 -1.86 -7.90
C ILE A 191 -9.50 -2.13 -9.23
N LEU A 192 -10.21 -1.13 -9.76
CA LEU A 192 -10.94 -1.33 -11.01
C LEU A 192 -10.05 -1.16 -12.23
N SER A 193 -8.87 -1.80 -12.26
CA SER A 193 -7.97 -1.77 -13.41
C SER A 193 -8.37 -2.84 -14.42
N GLY A 194 -8.68 -2.41 -15.63
CA GLY A 194 -9.16 -3.31 -16.66
C GLY A 194 -8.12 -4.12 -17.36
N ASP A 195 -6.84 -4.00 -17.00
CA ASP A 195 -5.79 -4.70 -17.72
C ASP A 195 -5.21 -5.88 -16.95
N ARG A 196 -5.87 -6.35 -15.90
CA ARG A 196 -5.32 -7.49 -15.15
C ARG A 196 -5.42 -8.77 -15.98
N PRO A 197 -4.45 -9.66 -15.86
CA PRO A 197 -4.52 -10.92 -16.61
C PRO A 197 -5.59 -11.84 -16.06
N GLY A 198 -6.30 -12.50 -16.97
CA GLY A 198 -7.38 -13.37 -16.58
C GLY A 198 -8.75 -12.74 -16.52
N LEU A 199 -8.89 -11.44 -16.77
CA LEU A 199 -10.22 -10.84 -16.73
C LEU A 199 -11.08 -11.35 -17.88
N LEU A 200 -12.37 -11.52 -17.59
CA LEU A 200 -13.36 -12.02 -18.52
C LEU A 200 -14.19 -10.91 -19.16
N ASN A 201 -14.73 -10.00 -18.35
CA ASN A 201 -15.64 -8.97 -18.83
C ASN A 201 -14.99 -7.64 -18.51
N VAL A 202 -14.22 -7.14 -19.47
CA VAL A 202 -13.44 -5.92 -19.25
C VAL A 202 -14.34 -4.70 -19.26
N LYS A 203 -15.26 -4.62 -20.23
CA LYS A 203 -16.11 -3.45 -20.41
C LYS A 203 -16.83 -2.98 -19.13
N PRO A 204 -17.46 -3.84 -18.32
CA PRO A 204 -18.09 -3.31 -17.10
C PRO A 204 -17.07 -2.76 -16.10
N ILE A 205 -15.89 -3.36 -16.01
CA ILE A 205 -14.84 -2.84 -15.13
C ILE A 205 -14.42 -1.45 -15.60
N GLU A 206 -14.20 -1.29 -16.91
CA GLU A 206 -13.71 -0.02 -17.42
C GLU A 206 -14.77 1.07 -17.29
N ASP A 207 -16.05 0.73 -17.50
CA ASP A 207 -17.13 1.69 -17.28
C ASP A 207 -17.05 2.26 -15.86
N ILE A 208 -16.91 1.39 -14.87
CA ILE A 208 -16.74 1.85 -13.48
C ILE A 208 -15.50 2.72 -13.36
N GLN A 209 -14.37 2.27 -13.91
CA GLN A 209 -13.14 3.02 -13.73
C GLN A 209 -13.21 4.39 -14.40
N ASP A 210 -13.80 4.46 -15.59
CA ASP A 210 -13.96 5.73 -16.30
C ASP A 210 -14.66 6.75 -15.42
N ASN A 211 -15.74 6.32 -14.76
CA ASN A 211 -16.47 7.21 -13.88
C ASN A 211 -15.65 7.55 -12.64
N LEU A 212 -14.84 6.61 -12.14
CA LEU A 212 -13.94 6.89 -11.02
C LEU A 212 -12.82 7.84 -11.43
N LEU A 213 -12.42 7.83 -12.70
CA LEU A 213 -11.38 8.76 -13.12
C LEU A 213 -11.93 10.17 -13.26
N GLN A 214 -13.16 10.30 -13.79
CA GLN A 214 -13.82 11.59 -13.80
C GLN A 214 -13.86 12.20 -12.39
N ALA A 215 -14.24 11.40 -11.39
CA ALA A 215 -14.30 11.89 -10.02
C ALA A 215 -12.90 12.17 -9.47
N LEU A 216 -11.89 11.39 -9.86
CA LEU A 216 -10.54 11.68 -9.43
C LEU A 216 -10.04 12.99 -10.03
N GLU A 217 -10.25 13.19 -11.33
CA GLU A 217 -9.85 14.44 -11.97
C GLU A 217 -10.40 15.67 -11.26
N LEU A 218 -11.73 15.67 -11.04
CA LEU A 218 -12.37 16.78 -10.34
C LEU A 218 -11.80 16.97 -8.95
N GLN A 219 -11.64 15.87 -8.20
CA GLN A 219 -11.13 15.97 -6.82
C GLN A 219 -9.75 16.60 -6.78
N LEU A 220 -8.91 16.29 -7.77
CA LEU A 220 -7.57 16.87 -7.79
C LEU A 220 -7.56 18.33 -8.21
N LYS A 221 -8.53 18.74 -9.04
CA LYS A 221 -8.66 20.16 -9.41
C LYS A 221 -9.07 20.99 -8.20
N LEU A 222 -10.07 20.52 -7.44
CA LEU A 222 -10.53 21.27 -6.29
C LEU A 222 -9.52 21.23 -5.14
N ASN A 223 -8.73 20.16 -5.04
CA ASN A 223 -7.91 19.97 -3.86
C ASN A 223 -6.44 20.36 -4.06
N HIS A 224 -5.97 20.50 -5.30
CA HIS A 224 -4.54 20.65 -5.55
C HIS A 224 -4.33 21.70 -6.62
N PRO A 225 -4.45 22.98 -6.24
CA PRO A 225 -4.23 24.06 -7.22
C PRO A 225 -2.80 24.19 -7.66
N GLU A 226 -1.85 23.78 -6.83
CA GLU A 226 -0.43 23.92 -7.08
C GLU A 226 0.12 22.97 -8.14
N SER A 227 -0.68 22.06 -8.72
CA SER A 227 -0.17 21.04 -9.63
C SER A 227 -1.09 20.89 -10.83
N SER A 228 -0.66 21.39 -12.00
CA SER A 228 -1.54 21.35 -13.17
C SER A 228 -1.52 20.02 -13.91
N GLN A 229 -0.52 19.15 -13.67
CA GLN A 229 -0.50 17.82 -14.26
C GLN A 229 -0.48 16.72 -13.20
N LEU A 230 -0.98 17.01 -11.97
CA LEU A 230 -1.04 16.02 -10.91
C LEU A 230 -1.92 14.83 -11.26
N PHE A 231 -2.99 15.03 -12.04
CA PHE A 231 -3.75 13.86 -12.51
C PHE A 231 -2.83 12.91 -13.29
N ALA A 232 -2.14 13.43 -14.31
CA ALA A 232 -1.14 12.65 -15.05
C ALA A 232 -0.11 12.00 -14.13
N LYS A 233 0.50 12.79 -13.25
CA LYS A 233 1.59 12.28 -12.43
C LYS A 233 1.11 11.20 -11.48
N LEU A 234 -0.12 11.31 -10.98
CA LEU A 234 -0.66 10.27 -10.12
C LEU A 234 -0.88 8.96 -10.90
N LEU A 235 -1.40 9.06 -12.14
CA LEU A 235 -1.60 7.82 -12.89
C LEU A 235 -0.26 7.18 -13.25
N GLN A 236 0.79 8.00 -13.43
CA GLN A 236 2.12 7.46 -13.66
C GLN A 236 2.60 6.67 -12.44
N LYS A 237 2.15 7.07 -11.26
CA LYS A 237 2.57 6.41 -10.04
C LYS A 237 1.98 5.00 -9.95
N MET A 238 0.99 4.70 -10.81
CA MET A 238 0.48 3.34 -10.86
C MET A 238 1.45 2.43 -11.59
N THR A 239 2.09 2.94 -12.64
CA THR A 239 3.21 2.25 -13.24
C THR A 239 4.28 1.91 -12.22
N ASP A 240 4.62 2.86 -11.35
CA ASP A 240 5.73 2.60 -10.43
C ASP A 240 5.33 1.59 -9.36
N LEU A 241 4.06 1.58 -8.98
CA LEU A 241 3.61 0.58 -7.99
C LEU A 241 3.75 -0.83 -8.55
N ARG A 242 3.35 -1.03 -9.80
CA ARG A 242 3.48 -2.35 -10.40
C ARG A 242 4.92 -2.78 -10.49
N GLN A 243 5.83 -1.81 -10.64
CA GLN A 243 7.25 -2.13 -10.72
C GLN A 243 7.76 -2.74 -9.42
N ILE A 244 7.44 -2.10 -8.28
CA ILE A 244 7.84 -2.69 -7.00
C ILE A 244 7.31 -4.11 -6.91
N VAL A 245 6.07 -4.33 -7.36
CA VAL A 245 5.49 -5.67 -7.26
C VAL A 245 6.30 -6.63 -8.12
N THR A 246 6.68 -6.22 -9.33
CA THR A 246 7.52 -7.08 -10.15
C THR A 246 8.92 -7.22 -9.57
N GLU A 247 9.38 -6.21 -8.82
CA GLU A 247 10.71 -6.31 -8.24
C GLU A 247 10.76 -7.39 -7.17
N HIS A 248 9.63 -7.66 -6.51
CA HIS A 248 9.57 -8.75 -5.54
C HIS A 248 9.80 -10.11 -6.21
N VAL A 249 9.30 -10.30 -7.43
CA VAL A 249 9.53 -11.57 -8.12
C VAL A 249 11.01 -11.78 -8.39
N GLN A 250 11.68 -10.76 -8.91
CA GLN A 250 13.13 -10.81 -9.04
C GLN A 250 13.78 -11.12 -7.71
N LEU A 251 13.29 -10.48 -6.64
CA LEU A 251 13.86 -10.69 -5.32
C LEU A 251 13.85 -12.18 -4.94
N LEU A 252 12.81 -12.90 -5.34
CA LEU A 252 12.75 -14.31 -5.01
C LEU A 252 13.81 -15.09 -5.77
N GLN A 253 14.08 -14.71 -7.02
CA GLN A 253 15.15 -15.33 -7.79
C GLN A 253 16.53 -15.01 -7.22
N VAL A 254 16.73 -13.77 -6.76
CA VAL A 254 17.98 -13.44 -6.09
C VAL A 254 18.15 -14.26 -4.81
N ILE A 255 17.03 -14.63 -4.17
CA ILE A 255 17.08 -15.48 -2.97
C ILE A 255 17.45 -16.90 -3.34
N LYS A 256 16.85 -17.46 -4.40
CA LYS A 256 17.18 -18.82 -4.80
C LYS A 256 18.68 -18.95 -5.09
N LYS A 257 19.21 -18.06 -5.93
CA LYS A 257 20.61 -18.16 -6.33
C LYS A 257 21.55 -17.94 -5.16
N THR A 258 21.13 -17.17 -4.16
CA THR A 258 22.04 -16.82 -3.07
C THR A 258 22.38 -18.04 -2.24
N GLU A 259 23.68 -18.29 -2.08
CA GLU A 259 24.16 -19.32 -1.17
C GLU A 259 25.22 -18.75 -0.22
N THR A 260 25.36 -17.43 -0.16
CA THR A 260 26.04 -16.78 0.97
C THR A 260 25.17 -16.93 2.21
N ASP A 261 25.79 -16.72 3.38
CA ASP A 261 25.09 -16.89 4.65
C ASP A 261 23.87 -15.97 4.73
N MET A 262 22.67 -16.56 4.66
CA MET A 262 21.43 -15.80 4.81
C MET A 262 21.05 -15.58 6.27
N SER A 263 22.02 -15.55 7.18
CA SER A 263 21.73 -15.32 8.59
C SER A 263 21.29 -13.87 8.83
N LEU A 264 20.41 -13.69 9.81
CA LEU A 264 19.81 -12.39 10.10
C LEU A 264 19.25 -12.41 11.52
N HIS A 265 19.58 -11.38 12.31
CA HIS A 265 19.15 -11.34 13.70
C HIS A 265 17.66 -11.63 13.82
N PRO A 266 17.23 -12.46 14.77
CA PRO A 266 15.79 -12.71 14.88
C PRO A 266 14.97 -11.44 15.07
N LEU A 267 15.52 -10.42 15.74
CA LEU A 267 14.82 -9.14 15.83
C LEU A 267 14.67 -8.46 14.48
N LEU A 268 15.62 -8.67 13.57
CA LEU A 268 15.45 -8.04 12.28
C LEU A 268 14.40 -8.76 11.47
N GLN A 269 14.34 -10.09 11.61
CA GLN A 269 13.30 -10.87 10.95
C GLN A 269 11.91 -10.43 11.41
N GLU A 270 11.75 -10.12 12.71
CA GLU A 270 10.47 -9.63 13.19
C GLU A 270 10.18 -8.24 12.64
N ILE A 271 11.20 -7.39 12.56
CA ILE A 271 10.99 -6.09 11.94
C ILE A 271 10.55 -6.28 10.50
N TYR A 272 11.23 -7.18 9.78
CA TYR A 272 10.95 -7.37 8.37
C TYR A 272 9.58 -7.99 8.15
N LYS A 273 9.10 -8.80 9.09
CA LYS A 273 7.73 -9.29 9.00
C LYS A 273 6.72 -8.16 9.10
N ASP A 274 7.13 -6.98 9.58
CA ASP A 274 6.30 -5.79 9.67
C ASP A 274 6.30 -4.96 8.40
N LEU A 275 7.10 -5.31 7.40
CA LEU A 275 7.14 -4.51 6.19
C LEU A 275 6.49 -5.30 5.05
N TYR A 276 6.85 -4.97 3.82
CA TYR A 276 6.19 -5.54 2.66
C TYR A 276 6.95 -5.30 1.37
N ASN B 5 -0.17 -16.99 -3.23
CA ASN B 5 -1.25 -16.47 -4.06
C ASN B 5 -2.50 -17.32 -3.94
N LEU B 6 -2.32 -18.64 -3.85
CA LEU B 6 -3.47 -19.51 -3.65
C LEU B 6 -4.10 -19.30 -2.29
N GLY B 7 -3.27 -19.12 -1.25
CA GLY B 7 -3.80 -18.66 0.02
C GLY B 7 -4.39 -17.27 -0.07
N LEU B 8 -3.78 -16.40 -0.88
CA LEU B 8 -4.24 -15.01 -0.98
C LEU B 8 -5.63 -14.96 -1.59
N GLU B 9 -5.81 -15.60 -2.75
CA GLU B 9 -7.13 -15.71 -3.36
C GLU B 9 -8.12 -16.39 -2.43
N ASP B 10 -7.64 -17.26 -1.55
CA ASP B 10 -8.56 -17.87 -0.59
C ASP B 10 -9.04 -16.86 0.45
N ILE B 11 -8.11 -16.03 0.96
CA ILE B 11 -8.51 -14.96 1.87
C ILE B 11 -9.53 -14.03 1.19
N ILE B 12 -9.26 -13.65 -0.07
CA ILE B 12 -10.16 -12.74 -0.78
C ILE B 12 -11.54 -13.35 -0.93
N ARG B 13 -11.61 -14.63 -1.31
CA ARG B 13 -12.93 -15.22 -1.55
C ARG B 13 -13.76 -15.23 -0.27
N LYS B 14 -13.13 -15.58 0.86
CA LYS B 14 -13.85 -15.55 2.13
C LYS B 14 -14.31 -14.13 2.47
N ALA B 15 -13.52 -13.12 2.14
CA ALA B 15 -13.89 -11.75 2.50
C ALA B 15 -15.09 -11.27 1.68
N LEU B 16 -15.14 -11.61 0.39
CA LEU B 16 -16.21 -11.18 -0.51
C LEU B 16 -17.56 -11.77 -0.15
N MET B 17 -17.62 -12.65 0.85
CA MET B 17 -18.83 -13.40 1.13
C MET B 17 -19.84 -12.58 1.95
C9 A1CAA C . 5.70 -10.82 0.75
C8 A1CAA C . 4.89 -11.20 -0.41
C10 A1CAA C . 6.23 -9.57 0.84
C11 A1CAA C . 7.09 -9.07 1.99
C12 A1CAA C . 8.21 -8.44 1.55
C7 A1CAA C . 3.68 -9.55 -3.66
C3 A1CAA C . 5.00 -8.00 -2.40
C2 A1CAA C . 4.26 -8.33 -3.47
C4 A1CAA C . 5.20 -8.92 -1.42
C5 A1CAA C . 4.64 -10.21 -1.50
C6 A1CAA C . 3.88 -10.52 -2.66
C16 A1CAA C . 6.80 -9.15 3.33
C15 A1CAA C . 7.70 -8.61 4.24
C14 A1CAA C . 8.85 -7.96 3.80
C13 A1CAA C . 9.09 -7.88 2.44
C20 A1CAA C . 10.29 -7.23 1.80
F18 A1CAA C . 3.33 -11.74 -2.81
F19 A1CAA C . 4.10 -7.39 -4.44
N21 A1CAA C . 11.19 -6.74 1.31
N8 A1CAA C . 6.04 -8.56 -0.22
O17 A1CAA C . 4.37 -12.50 -0.45
#